data_3NUM
#
_entry.id   3NUM
#
_cell.length_a   109.476
_cell.length_b   109.476
_cell.length_c   113.956
_cell.angle_alpha   90.00
_cell.angle_beta   90.00
_cell.angle_gamma   120.00
#
_symmetry.space_group_name_H-M   'H 3'
#
_entity_poly.entity_id   1
_entity_poly.type   'polypeptide(L)'
_entity_poly.pdbx_seq_one_letter_code
;MGQEDPNSLRHKYNFIADVVEKIAPAVVHIELFRKLPFSKREVPVASGSGFIVSEDGLIVTNAHVVTNKHRVKVELKNGA
TYEAKIKDVDEKADIALIKIDHQGKLPVLLLGRSSELRPGEFVVAIGSPFSLQNTVTTGIVSTTQRGGKELGLRNSDMDY
IQTDAIINYGNAGGPLVNLDGEVIGINTLKVTAGISFAIPSDKIKKFLTESHDRQAKGKAITKKKYIGIRMMSLTSSKAK
ELKDRHRDFPDVISGAYIIEVIPDTPAEAGGLKENDVIISINGQSVVSANDVSDVIKRESTLNMVVRRGNEDIMITVIPE
EIDPLEHHHHHH
;
_entity_poly.pdbx_strand_id   A
#
# COMPACT_ATOMS: atom_id res chain seq x y z
N ASP A 5 -14.64 -22.87 21.98
CA ASP A 5 -15.83 -21.96 21.97
C ASP A 5 -15.80 -21.04 20.73
N PRO A 6 -16.73 -21.22 19.77
CA PRO A 6 -17.00 -20.21 18.74
C PRO A 6 -18.02 -19.15 19.22
N ASN A 7 -18.52 -19.31 20.46
CA ASN A 7 -19.32 -18.34 21.19
C ASN A 7 -18.39 -17.41 21.96
N SER A 8 -17.08 -17.64 21.86
CA SER A 8 -16.10 -16.83 22.59
C SER A 8 -15.88 -15.48 21.96
N LEU A 9 -15.52 -14.48 22.76
CA LEU A 9 -15.40 -13.15 22.22
C LEU A 9 -14.31 -13.06 21.18
N ARG A 10 -13.24 -13.83 21.39
CA ARG A 10 -12.06 -13.78 20.57
C ARG A 10 -12.36 -14.32 19.17
N HIS A 11 -13.27 -15.26 19.11
CA HIS A 11 -13.65 -15.86 17.86
C HIS A 11 -14.71 -15.00 17.20
N LYS A 12 -15.63 -14.53 18.01
CA LYS A 12 -16.79 -13.82 17.54
C LYS A 12 -16.41 -12.45 16.95
N TYR A 13 -15.38 -11.80 17.50
CA TYR A 13 -15.19 -10.37 17.25
C TYR A 13 -13.82 -9.89 16.72
N ASN A 14 -12.91 -10.79 16.32
CA ASN A 14 -11.64 -10.35 15.74
C ASN A 14 -11.72 -10.16 14.23
N PHE A 15 -12.67 -9.33 13.81
CA PHE A 15 -12.89 -9.12 12.41
C PHE A 15 -11.71 -8.43 11.68
N ILE A 16 -10.87 -7.69 12.42
CA ILE A 16 -9.73 -7.03 11.81
C ILE A 16 -8.64 -8.03 11.50
N ALA A 17 -8.43 -8.96 12.43
CA ALA A 17 -7.56 -10.14 12.21
C ALA A 17 -7.99 -10.84 10.97
N ASP A 18 -9.27 -11.04 10.81
CA ASP A 18 -9.78 -11.75 9.64
C ASP A 18 -9.42 -11.03 8.34
N VAL A 19 -9.50 -9.71 8.36
CA VAL A 19 -9.18 -8.94 7.17
C VAL A 19 -7.69 -8.99 6.91
N VAL A 20 -6.90 -8.82 7.96
CA VAL A 20 -5.44 -8.78 7.77
C VAL A 20 -4.91 -10.10 7.22
N GLU A 21 -5.38 -11.21 7.75
CA GLU A 21 -4.99 -12.52 7.23
C GLU A 21 -5.29 -12.64 5.73
N LYS A 22 -6.33 -11.98 5.27
CA LYS A 22 -6.72 -12.07 3.85
C LYS A 22 -5.84 -11.18 2.96
N ILE A 23 -5.37 -10.03 3.47
CA ILE A 23 -4.66 -9.08 2.62
C ILE A 23 -3.17 -9.11 2.75
N ALA A 24 -2.65 -9.68 3.82
CA ALA A 24 -1.18 -9.63 4.06
C ALA A 24 -0.37 -10.14 2.87
N PRO A 25 -0.79 -11.24 2.26
CA PRO A 25 0.00 -11.78 1.16
C PRO A 25 0.17 -10.84 -0.03
N ALA A 26 -0.79 -9.94 -0.24
CA ALA A 26 -0.74 -9.06 -1.39
C ALA A 26 0.00 -7.76 -1.08
N VAL A 27 0.52 -7.64 0.15
CA VAL A 27 1.23 -6.46 0.61
C VAL A 27 2.70 -6.77 0.64
N VAL A 28 3.50 -5.85 0.13
CA VAL A 28 4.89 -6.13 -0.19
C VAL A 28 5.81 -5.04 0.32
N HIS A 29 7.07 -5.38 0.49
CA HIS A 29 8.06 -4.46 0.99
C HIS A 29 8.89 -3.92 -0.14
N ILE A 30 8.98 -2.61 -0.26
CA ILE A 30 9.72 -1.96 -1.34
C ILE A 30 10.91 -1.24 -0.76
N GLU A 31 12.01 -1.24 -1.51
CA GLU A 31 13.24 -0.57 -1.11
C GLU A 31 13.83 0.24 -2.25
N LEU A 32 14.04 1.53 -2.02
CA LEU A 32 14.68 2.42 -3.00
C LEU A 32 16.21 2.53 -2.75
N PHE A 33 16.99 2.20 -3.78
CA PHE A 33 18.49 2.21 -3.77
C PHE A 33 19.07 3.29 -4.67
N ARG A 34 20.01 4.11 -4.16
CA ARG A 34 20.72 5.11 -4.98
C ARG A 34 22.19 4.74 -5.11
N LYS A 35 22.83 5.23 -6.17
CA LYS A 35 24.28 5.03 -6.38
C LYS A 35 25.07 6.03 -5.56
N LEU A 36 26.14 5.55 -4.93
CA LEU A 36 27.01 6.42 -4.16
C LEU A 36 27.71 7.37 -5.14
N PRO A 37 28.00 8.60 -4.70
CA PRO A 37 28.49 9.76 -5.44
C PRO A 37 29.34 9.54 -6.71
N PHE A 38 30.33 8.67 -6.64
CA PHE A 38 31.14 8.42 -7.81
C PHE A 38 31.49 6.96 -7.91
N SER A 39 30.55 6.13 -7.45
CA SER A 39 30.75 4.69 -7.34
C SER A 39 29.70 3.99 -8.16
N LYS A 40 29.96 2.71 -8.42
CA LYS A 40 28.95 1.82 -9.00
C LYS A 40 28.16 1.17 -7.88
N ARG A 41 28.56 1.46 -6.64
CA ARG A 41 28.06 0.79 -5.45
C ARG A 41 26.79 1.48 -4.96
N GLU A 42 25.63 0.90 -5.24
CA GLU A 42 24.37 1.47 -4.69
C GLU A 42 24.05 1.01 -3.29
N VAL A 43 23.25 1.82 -2.60
CA VAL A 43 22.85 1.59 -1.22
C VAL A 43 21.41 2.09 -1.00
N PRO A 44 20.67 1.49 -0.06
CA PRO A 44 19.25 1.83 0.12
C PRO A 44 19.05 3.25 0.61
N VAL A 45 18.29 4.05 -0.11
CA VAL A 45 17.99 5.40 0.37
C VAL A 45 16.62 5.40 1.06
N ALA A 46 15.63 4.75 0.46
CA ALA A 46 14.28 4.75 0.99
C ALA A 46 13.69 3.34 1.07
N SER A 47 12.80 3.16 2.04
CA SER A 47 12.14 1.87 2.29
C SER A 47 10.64 2.18 2.44
N GLY A 48 9.81 1.19 2.15
CA GLY A 48 8.36 1.37 2.21
C GLY A 48 7.61 0.09 1.93
N SER A 49 6.30 0.24 1.76
CA SER A 49 5.42 -0.86 1.47
C SER A 49 4.66 -0.55 0.17
N GLY A 50 4.13 -1.59 -0.45
CA GLY A 50 3.20 -1.45 -1.55
C GLY A 50 2.30 -2.66 -1.57
N PHE A 51 1.50 -2.79 -2.63
CA PHE A 51 0.68 -3.97 -2.82
C PHE A 51 0.44 -4.25 -4.29
N ILE A 52 -0.10 -5.44 -4.54
CA ILE A 52 -0.17 -5.99 -5.87
C ILE A 52 -1.58 -5.75 -6.39
N VAL A 53 -1.68 -5.26 -7.62
CA VAL A 53 -2.99 -5.07 -8.21
C VAL A 53 -3.15 -5.88 -9.48
N SER A 54 -2.32 -6.91 -9.67
CA SER A 54 -2.39 -7.79 -10.84
C SER A 54 -1.53 -9.06 -10.73
N GLU A 55 -2.08 -10.17 -11.20
CA GLU A 55 -1.47 -11.50 -11.08
C GLU A 55 -0.02 -11.62 -11.58
N ASP A 56 0.27 -10.93 -12.67
CA ASP A 56 1.59 -10.99 -13.29
C ASP A 56 2.61 -10.11 -12.55
N GLY A 57 2.11 -9.23 -11.68
CA GLY A 57 2.92 -8.54 -10.69
C GLY A 57 3.00 -7.04 -10.85
N LEU A 58 1.87 -6.38 -11.12
CA LEU A 58 1.82 -4.93 -11.06
C LEU A 58 1.66 -4.62 -9.62
N ILE A 59 2.32 -3.54 -9.19
CA ILE A 59 2.33 -3.14 -7.80
C ILE A 59 2.19 -1.63 -7.72
N VAL A 60 1.40 -1.20 -6.77
CA VAL A 60 1.20 0.22 -6.51
C VAL A 60 1.76 0.59 -5.14
N THR A 61 2.32 1.80 -5.08
CA THR A 61 2.70 2.49 -3.85
C THR A 61 2.63 3.99 -4.13
N ASN A 62 2.97 4.78 -3.11
CA ASN A 62 3.01 6.23 -3.26
C ASN A 62 4.33 6.66 -3.89
N ALA A 63 4.34 7.93 -4.32
CA ALA A 63 5.47 8.52 -5.00
C ALA A 63 6.64 8.83 -4.08
N HIS A 64 6.47 8.60 -2.78
CA HIS A 64 7.58 8.74 -1.86
C HIS A 64 8.32 7.44 -1.66
N VAL A 65 7.66 6.31 -1.76
CA VAL A 65 8.40 5.07 -1.65
C VAL A 65 9.20 4.91 -2.93
N VAL A 66 8.60 5.33 -4.03
CA VAL A 66 9.25 5.18 -5.32
C VAL A 66 9.17 6.50 -6.11
N THR A 67 10.31 6.88 -6.68
CA THR A 67 10.41 8.01 -7.59
C THR A 67 11.33 7.60 -8.71
N ASN A 68 11.02 8.04 -9.93
CA ASN A 68 11.70 7.64 -11.18
C ASN A 68 13.23 7.56 -11.09
N LYS A 69 13.79 8.32 -10.15
CA LYS A 69 15.23 8.32 -9.90
C LYS A 69 15.84 6.92 -9.83
N HIS A 70 15.62 6.29 -8.67
CA HIS A 70 16.48 5.22 -8.17
C HIS A 70 16.31 3.81 -8.79
N ARG A 71 16.74 2.80 -8.03
CA ARG A 71 16.55 1.37 -8.32
C ARG A 71 15.71 0.73 -7.20
N VAL A 72 14.73 -0.08 -7.59
CA VAL A 72 13.75 -0.59 -6.67
C VAL A 72 13.80 -2.10 -6.61
N LYS A 73 13.87 -2.63 -5.39
CA LYS A 73 13.77 -4.06 -5.15
C LYS A 73 12.51 -4.32 -4.30
N VAL A 74 11.79 -5.36 -4.68
CA VAL A 74 10.60 -5.76 -3.98
C VAL A 74 10.93 -7.03 -3.23
N GLU A 75 10.36 -7.18 -2.04
CA GLU A 75 10.49 -8.39 -1.26
C GLU A 75 9.09 -8.85 -0.90
N LEU A 76 8.79 -10.12 -1.16
CA LEU A 76 7.45 -10.63 -0.94
C LEU A 76 7.34 -11.22 0.45
N LYS A 77 6.20 -11.01 1.11
CA LYS A 77 5.86 -11.67 2.37
C LYS A 77 6.63 -12.96 2.61
N ASN A 78 6.66 -13.84 1.60
CA ASN A 78 7.34 -15.14 1.70
C ASN A 78 8.86 -15.02 1.85
N GLY A 79 9.44 -13.96 1.30
CA GLY A 79 10.84 -13.65 1.54
C GLY A 79 11.77 -13.70 0.33
N ALA A 80 11.22 -13.91 -0.86
CA ALA A 80 12.00 -13.83 -2.09
C ALA A 80 12.09 -12.37 -2.55
N THR A 81 13.30 -11.89 -2.81
CA THR A 81 13.53 -10.54 -3.34
C THR A 81 13.46 -10.54 -4.86
N TYR A 82 13.10 -9.40 -5.43
CA TYR A 82 12.90 -9.30 -6.87
C TYR A 82 13.24 -7.91 -7.35
N GLU A 83 14.07 -7.82 -8.37
CA GLU A 83 14.30 -6.56 -9.05
C GLU A 83 12.97 -6.11 -9.68
N ALA A 84 12.52 -4.91 -9.35
CA ALA A 84 11.25 -4.36 -9.86
C ALA A 84 11.50 -3.27 -10.87
N LYS A 85 10.52 -3.04 -11.76
CA LYS A 85 10.65 -2.06 -12.84
C LYS A 85 9.57 -0.97 -12.75
N ILE A 86 9.97 0.28 -13.01
CA ILE A 86 9.11 1.46 -12.81
C ILE A 86 8.29 1.75 -14.06
N LYS A 87 6.99 1.49 -13.99
CA LYS A 87 6.17 1.64 -15.18
C LYS A 87 5.58 3.05 -15.29
N ASP A 88 5.40 3.72 -14.15
CA ASP A 88 4.84 5.07 -14.15
C ASP A 88 4.87 5.64 -12.74
N VAL A 89 5.13 6.95 -12.64
CA VAL A 89 5.27 7.62 -11.35
C VAL A 89 4.71 9.02 -11.39
N ASP A 90 3.44 9.17 -11.03
CA ASP A 90 2.80 10.49 -10.99
C ASP A 90 3.16 11.19 -9.68
N GLU A 91 3.98 12.23 -9.76
CA GLU A 91 4.40 12.98 -8.56
C GLU A 91 3.26 13.86 -8.00
N LYS A 92 2.52 14.58 -8.86
CA LYS A 92 1.36 15.37 -8.41
C LYS A 92 0.36 14.53 -7.67
N ALA A 93 0.20 13.28 -8.10
CA ALA A 93 -0.82 12.40 -7.51
C ALA A 93 -0.25 11.60 -6.34
N ASP A 94 1.06 11.61 -6.21
CA ASP A 94 1.76 10.83 -5.20
C ASP A 94 1.48 9.33 -5.31
N ILE A 95 1.42 8.82 -6.53
CA ILE A 95 1.23 7.40 -6.81
C ILE A 95 2.32 6.88 -7.77
N ALA A 96 2.66 5.61 -7.63
CA ALA A 96 3.71 4.99 -8.40
C ALA A 96 3.26 3.59 -8.80
N LEU A 97 3.60 3.18 -10.00
CA LEU A 97 3.31 1.83 -10.41
C LEU A 97 4.59 1.16 -10.84
N ILE A 98 4.83 -0.03 -10.31
CA ILE A 98 5.97 -0.81 -10.68
C ILE A 98 5.53 -2.22 -10.96
N LYS A 99 6.39 -2.95 -11.65
CA LYS A 99 6.08 -4.31 -12.07
C LYS A 99 7.24 -5.23 -11.75
N ILE A 100 6.93 -6.40 -11.22
CA ILE A 100 7.96 -7.41 -11.00
C ILE A 100 7.62 -8.66 -11.79
N ASP A 101 8.65 -9.34 -12.27
CA ASP A 101 8.49 -10.56 -13.06
C ASP A 101 8.46 -11.76 -12.10
N HIS A 102 7.27 -12.12 -11.64
CA HIS A 102 7.12 -13.25 -10.72
C HIS A 102 6.80 -14.51 -11.49
N GLN A 103 7.19 -15.65 -10.94
CA GLN A 103 6.95 -16.95 -11.56
C GLN A 103 5.59 -17.43 -11.06
N GLY A 104 4.55 -17.25 -11.88
CA GLY A 104 3.20 -17.70 -11.54
C GLY A 104 2.28 -16.60 -11.04
N LYS A 105 0.98 -16.91 -11.00
CA LYS A 105 -0.03 -15.94 -10.66
C LYS A 105 0.13 -15.50 -9.19
N LEU A 106 0.14 -14.19 -8.98
CA LEU A 106 0.25 -13.63 -7.65
C LEU A 106 -1.13 -13.33 -7.05
N PRO A 107 -1.19 -13.05 -5.74
CA PRO A 107 -2.43 -12.63 -5.12
C PRO A 107 -2.65 -11.13 -5.30
N VAL A 108 -3.91 -10.72 -5.37
CA VAL A 108 -4.29 -9.38 -5.83
C VAL A 108 -5.27 -8.73 -4.87
N LEU A 109 -5.10 -7.44 -4.60
CA LEU A 109 -6.11 -6.69 -3.83
C LEU A 109 -6.96 -5.90 -4.80
N LEU A 110 -8.28 -6.09 -4.74
CA LEU A 110 -9.20 -5.31 -5.54
C LEU A 110 -9.36 -3.93 -4.93
N LEU A 111 -9.65 -2.94 -5.77
CA LEU A 111 -9.97 -1.58 -5.31
C LEU A 111 -11.46 -1.41 -5.00
N GLY A 112 -11.76 -0.79 -3.86
CA GLY A 112 -13.12 -0.41 -3.52
C GLY A 112 -13.33 1.00 -4.01
N ARG A 113 -14.58 1.43 -4.10
CA ARG A 113 -14.87 2.80 -4.53
C ARG A 113 -14.88 3.68 -3.28
N SER A 114 -13.85 4.50 -3.10
CA SER A 114 -13.76 5.36 -1.91
C SER A 114 -14.82 6.49 -1.82
N SER A 115 -15.71 6.64 -2.80
CA SER A 115 -16.86 7.52 -2.63
C SER A 115 -17.96 6.89 -1.76
N GLU A 116 -17.89 5.58 -1.56
CA GLU A 116 -18.88 4.81 -0.82
C GLU A 116 -18.54 4.75 0.64
N LEU A 117 -17.31 5.11 0.98
CA LEU A 117 -16.91 5.12 2.38
C LEU A 117 -17.86 5.97 3.14
N ARG A 118 -18.27 5.47 4.30
CA ARG A 118 -19.05 6.29 5.20
C ARG A 118 -18.22 6.68 6.37
N PRO A 119 -18.39 7.92 6.82
CA PRO A 119 -17.70 8.36 8.03
C PRO A 119 -17.89 7.34 9.12
N GLY A 120 -16.86 7.05 9.86
CA GLY A 120 -16.97 5.98 10.86
C GLY A 120 -16.62 4.56 10.41
N GLU A 121 -16.71 4.24 9.12
CA GLU A 121 -16.25 2.90 8.63
C GLU A 121 -14.92 2.49 9.23
N PHE A 122 -14.80 1.28 9.78
CA PHE A 122 -13.48 0.75 10.13
C PHE A 122 -12.63 0.50 8.87
N VAL A 123 -11.37 0.85 8.95
CA VAL A 123 -10.41 0.59 7.90
C VAL A 123 -9.15 0.10 8.56
N VAL A 124 -8.31 -0.55 7.81
CA VAL A 124 -7.13 -1.17 8.37
C VAL A 124 -5.95 -0.69 7.56
N ALA A 125 -4.93 -0.23 8.26
CA ALA A 125 -3.78 0.35 7.56
C ALA A 125 -2.60 -0.57 7.69
N ILE A 126 -2.17 -1.11 6.55
CA ILE A 126 -1.22 -2.23 6.56
C ILE A 126 0.02 -2.11 5.68
N GLY A 127 1.15 -2.61 6.20
CA GLY A 127 2.42 -2.52 5.48
C GLY A 127 3.29 -3.75 5.56
N SER A 128 4.60 -3.52 5.55
CA SER A 128 5.55 -4.61 5.73
C SER A 128 6.78 -4.16 6.51
N ASN A 134 5.84 -7.59 9.36
CA ASN A 134 4.85 -6.63 8.84
C ASN A 134 4.26 -5.77 9.97
N THR A 135 3.52 -4.72 9.63
CA THR A 135 2.92 -3.83 10.67
C THR A 135 1.56 -3.21 10.31
N VAL A 136 0.62 -3.34 11.23
CA VAL A 136 -0.79 -3.11 10.93
C VAL A 136 -1.39 -2.26 12.03
N THR A 137 -2.13 -1.23 11.63
CA THR A 137 -2.88 -0.41 12.57
C THR A 137 -4.27 -0.27 12.06
N THR A 138 -5.18 0.06 12.96
CA THR A 138 -6.56 0.28 12.60
C THR A 138 -7.19 1.48 13.27
N GLY A 139 -8.31 1.90 12.68
CA GLY A 139 -9.06 3.10 13.06
C GLY A 139 -10.33 3.20 12.25
N ILE A 140 -10.85 4.42 12.12
CA ILE A 140 -12.01 4.70 11.27
C ILE A 140 -11.77 5.84 10.26
N VAL A 141 -12.63 5.93 9.26
CA VAL A 141 -12.61 7.06 8.37
C VAL A 141 -13.07 8.28 9.14
N SER A 142 -12.19 9.26 9.28
CA SER A 142 -12.52 10.47 10.03
C SER A 142 -13.09 11.60 9.20
N THR A 143 -13.05 11.51 7.88
CA THR A 143 -13.75 12.51 7.04
C THR A 143 -14.10 11.93 5.66
N THR A 144 -15.36 12.13 5.29
CA THR A 144 -15.91 11.71 3.97
C THR A 144 -14.86 11.35 2.91
N ASP A 159 -7.75 15.79 -3.01
CA ASP A 159 -8.37 15.36 -1.75
C ASP A 159 -7.75 14.08 -1.17
N TYR A 160 -8.21 13.73 0.03
CA TYR A 160 -7.64 12.66 0.80
C TYR A 160 -8.71 12.00 1.68
N ILE A 161 -8.43 10.78 2.08
CA ILE A 161 -9.19 10.14 3.12
C ILE A 161 -8.43 10.29 4.43
N GLN A 162 -9.09 10.83 5.44
CA GLN A 162 -8.53 11.05 6.76
C GLN A 162 -8.89 9.92 7.73
N THR A 163 -8.01 9.60 8.68
CA THR A 163 -8.29 8.52 9.64
C THR A 163 -7.41 8.49 10.92
N ASP A 164 -8.05 8.32 12.09
CA ASP A 164 -7.59 7.69 13.37
C ASP A 164 -6.38 6.80 13.35
N ALA A 165 -6.19 6.03 12.29
CA ALA A 165 -5.19 4.99 12.34
C ALA A 165 -3.81 5.60 12.23
N ILE A 166 -2.87 5.09 13.00
CA ILE A 166 -1.52 5.55 12.93
C ILE A 166 -0.96 5.06 11.63
N ILE A 167 -0.30 5.94 10.90
CA ILE A 167 0.52 5.56 9.77
C ILE A 167 1.91 6.03 10.05
N ASN A 168 2.85 5.10 9.89
CA ASN A 168 4.24 5.34 10.04
C ASN A 168 5.06 4.61 8.95
N TYR A 169 6.36 4.48 9.15
CA TYR A 169 7.23 3.84 8.16
C TYR A 169 6.92 2.34 8.00
N GLY A 170 6.28 1.76 8.99
CA GLY A 170 5.92 0.36 8.93
C GLY A 170 4.90 0.08 7.84
N ASN A 171 4.00 1.04 7.59
CA ASN A 171 2.88 0.82 6.64
C ASN A 171 2.66 1.88 5.55
N ALA A 172 3.43 2.97 5.60
CA ALA A 172 3.40 3.95 4.53
C ALA A 172 3.56 3.23 3.21
N GLY A 173 2.92 3.76 2.19
CA GLY A 173 2.96 3.17 0.87
C GLY A 173 1.96 2.04 0.72
N GLY A 174 1.72 1.30 1.79
CA GLY A 174 0.76 0.22 1.78
C GLY A 174 -0.67 0.70 1.71
N PRO A 175 -1.60 -0.26 1.59
CA PRO A 175 -2.99 0.03 1.42
C PRO A 175 -3.68 0.32 2.72
N LEU A 176 -4.65 1.23 2.67
CA LEU A 176 -5.67 1.41 3.70
C LEU A 176 -6.95 0.72 3.17
N VAL A 177 -7.42 -0.30 3.87
CA VAL A 177 -8.54 -1.10 3.39
C VAL A 177 -9.76 -1.04 4.31
N ASN A 178 -10.91 -1.42 3.74
CA ASN A 178 -12.19 -1.42 4.38
C ASN A 178 -12.42 -2.81 4.85
N LEU A 179 -13.50 -3.05 5.57
CA LEU A 179 -13.66 -4.38 6.15
C LEU A 179 -13.87 -5.48 5.13
N ASP A 180 -14.12 -5.15 3.85
CA ASP A 180 -14.19 -6.19 2.83
C ASP A 180 -12.84 -6.56 2.25
N GLY A 181 -11.78 -5.84 2.61
CA GLY A 181 -10.45 -6.19 2.07
C GLY A 181 -10.17 -5.44 0.79
N GLU A 182 -10.92 -4.37 0.58
CA GLU A 182 -10.79 -3.59 -0.63
C GLU A 182 -9.92 -2.41 -0.29
N VAL A 183 -8.92 -2.22 -1.14
CA VAL A 183 -8.06 -1.06 -1.04
C VAL A 183 -8.93 0.17 -1.27
N ILE A 184 -9.03 1.04 -0.28
CA ILE A 184 -9.73 2.31 -0.47
C ILE A 184 -8.79 3.50 -0.27
N GLY A 185 -7.52 3.23 0.08
CA GLY A 185 -6.47 4.25 0.00
C GLY A 185 -5.04 3.70 -0.04
N ILE A 186 -4.07 4.59 -0.32
CA ILE A 186 -2.65 4.38 -0.01
C ILE A 186 -2.23 5.18 1.20
N ASN A 187 -1.62 4.51 2.15
CA ASN A 187 -1.11 5.16 3.34
C ASN A 187 -0.01 6.18 3.04
N THR A 188 -0.11 7.32 3.71
CA THR A 188 0.79 8.43 3.57
C THR A 188 1.23 8.88 4.97
N LEU A 189 2.37 9.57 5.04
CA LEU A 189 2.94 10.05 6.30
C LEU A 189 2.48 11.47 6.65
N LYS A 190 1.63 12.06 5.82
CA LYS A 190 1.04 13.35 6.18
C LYS A 190 0.15 13.14 7.41
N VAL A 191 0.32 13.99 8.40
CA VAL A 191 -0.45 13.88 9.64
C VAL A 191 -0.86 15.26 10.07
N THR A 192 -2.06 15.39 10.61
CA THR A 192 -2.48 16.66 11.12
C THR A 192 -3.34 16.52 12.35
N ALA A 193 -2.82 17.02 13.48
CA ALA A 193 -3.49 16.91 14.76
C ALA A 193 -3.93 15.49 15.01
N GLY A 194 -3.05 14.53 14.78
CA GLY A 194 -3.29 13.13 15.12
C GLY A 194 -3.94 12.35 13.99
N ILE A 195 -4.24 13.01 12.90
CA ILE A 195 -5.05 12.38 11.88
C ILE A 195 -4.25 12.14 10.62
N SER A 196 -4.31 10.92 10.12
CA SER A 196 -3.48 10.50 8.99
C SER A 196 -4.20 10.66 7.65
N PHE A 197 -3.40 10.72 6.60
CA PHE A 197 -3.91 11.00 5.29
C PHE A 197 -3.52 9.91 4.34
N ALA A 198 -4.46 9.53 3.50
CA ALA A 198 -4.24 8.53 2.47
C ALA A 198 -4.81 9.01 1.14
N ILE A 199 -4.17 8.56 0.07
CA ILE A 199 -4.58 8.89 -1.28
C ILE A 199 -5.75 7.96 -1.55
N PRO A 200 -6.84 8.44 -2.15
CA PRO A 200 -8.00 7.59 -2.35
C PRO A 200 -7.89 6.57 -3.49
N SER A 201 -8.62 5.46 -3.37
CA SER A 201 -8.61 4.44 -4.41
C SER A 201 -9.15 5.02 -5.70
N ASP A 202 -10.04 6.01 -5.57
CA ASP A 202 -10.62 6.61 -6.78
C ASP A 202 -9.54 7.34 -7.60
N LYS A 203 -8.55 7.94 -6.94
CA LYS A 203 -7.41 8.54 -7.62
C LYS A 203 -6.53 7.46 -8.24
N ILE A 204 -6.44 6.32 -7.56
CA ILE A 204 -5.65 5.20 -8.01
C ILE A 204 -6.29 4.58 -9.22
N LYS A 205 -7.61 4.49 -9.22
CA LYS A 205 -8.34 3.94 -10.36
C LYS A 205 -8.00 4.80 -11.58
N LYS A 206 -8.16 6.10 -11.38
CA LYS A 206 -7.88 7.11 -12.37
C LYS A 206 -6.46 6.97 -12.87
N PHE A 207 -5.51 7.12 -11.96
CA PHE A 207 -4.11 6.99 -12.30
C PHE A 207 -3.91 5.75 -13.17
N LEU A 208 -4.36 4.61 -12.65
CA LEU A 208 -4.12 3.31 -13.28
C LEU A 208 -4.65 3.21 -14.71
N THR A 209 -5.80 3.80 -14.98
CA THR A 209 -6.39 3.71 -16.31
C THR A 209 -5.67 4.63 -17.32
N GLU A 210 -5.19 5.78 -16.82
CA GLU A 210 -4.44 6.75 -17.62
C GLU A 210 -2.98 6.32 -17.91
N SER A 211 -2.49 5.30 -17.20
CA SER A 211 -1.20 4.68 -17.46
C SER A 211 -1.32 3.66 -18.59
N HIS A 212 -2.36 2.81 -18.49
CA HIS A 212 -2.66 1.72 -19.47
C HIS A 212 -2.75 2.21 -20.92
N ASP A 213 -2.87 3.52 -21.09
CA ASP A 213 -2.57 4.18 -22.37
C ASP A 213 -1.35 3.57 -23.05
#